data_2DVS
#
_entry.id   2DVS
#
_cell.length_a   114.149
_cell.length_b   55.248
_cell.length_c   67.364
_cell.angle_alpha   90.00
_cell.angle_beta   94.12
_cell.angle_gamma   90.00
#
_symmetry.space_group_name_H-M   'C 1 2 1'
#
loop_
_entity.id
_entity.type
_entity.pdbx_description
1 polymer 'bromodomain-containing protein 2'
2 polymer 'histone H4'
3 water water
#
loop_
_entity_poly.entity_id
_entity_poly.type
_entity_poly.pdbx_seq_one_letter_code
_entity_poly.pdbx_strand_id
1 'polypeptide(L)'
;GRVTNQLQYLHKVV(MSE)KALWKHQFAWPFRQPVDAVKLGLPDYHKIIKQP(MSE)D(MSE)GTIKRRLENNYYWAASE
C(MSE)QDFNT(MSE)FTNCYIYNKPTDDIVL(MSE)AQTLEKIFLQKVAS(MSE)PQEEQELVVTIPKN
;
A,B,C
2 'polypeptide(L)' LG(ALY)GGAKRHRKV P,Q
#
# COMPACT_ATOMS: atom_id res chain seq x y z
N GLY A 1 15.38 -15.55 -1.10
CA GLY A 1 16.75 -15.30 -0.58
C GLY A 1 17.46 -14.13 -1.22
N ARG A 2 17.51 -13.01 -0.50
CA ARG A 2 17.97 -11.74 -1.06
C ARG A 2 18.31 -10.74 0.05
N VAL A 3 19.27 -9.86 -0.21
CA VAL A 3 19.49 -8.68 0.64
C VAL A 3 19.15 -7.42 -0.14
N THR A 4 18.28 -6.59 0.40
CA THR A 4 17.99 -5.33 -0.26
C THR A 4 18.16 -4.17 0.72
N ASN A 5 18.16 -2.95 0.19
CA ASN A 5 18.17 -1.79 1.04
C ASN A 5 16.94 -1.70 1.96
N GLN A 6 15.79 -2.16 1.51
CA GLN A 6 14.60 -2.08 2.33
C GLN A 6 14.66 -3.16 3.41
N LEU A 7 15.08 -4.35 3.06
CA LEU A 7 15.27 -5.41 4.06
C LEU A 7 16.28 -5.05 5.18
N GLN A 8 17.36 -4.39 4.78
CA GLN A 8 18.33 -3.83 5.70
C GLN A 8 17.74 -2.74 6.58
N TYR A 9 16.92 -1.85 6.01
CA TYR A 9 16.17 -0.89 6.80
C TYR A 9 15.16 -1.56 7.78
N LEU A 10 14.35 -2.50 7.31
CA LEU A 10 13.45 -3.26 8.18
C LEU A 10 14.22 -3.95 9.33
N HIS A 11 15.44 -4.41 9.04
CA HIS A 11 16.22 -5.13 10.02
C HIS A 11 16.83 -4.15 11.02
N LYS A 12 17.55 -3.17 10.48
CA LYS A 12 18.47 -2.41 11.28
C LYS A 12 17.88 -1.15 11.83
N VAL A 13 16.78 -0.67 11.24
CA VAL A 13 16.11 0.50 11.77
C VAL A 13 14.79 0.11 12.47
N VAL A 14 13.89 -0.60 11.76
CA VAL A 14 12.53 -0.85 12.22
C VAL A 14 12.53 -1.90 13.32
N MSE A 15 13.02 -3.11 13.00
CA MSE A 15 13.07 -4.15 14.01
C MSE A 15 13.90 -3.78 15.23
O MSE A 15 13.56 -4.15 16.34
CB MSE A 15 13.63 -5.45 13.43
CG MSE A 15 13.60 -6.60 14.45
SE MSE A 15 11.77 -6.97 15.13
CE MSE A 15 11.27 -8.35 13.77
N LYS A 16 15.01 -3.06 15.01
CA LYS A 16 15.86 -2.72 16.12
C LYS A 16 15.11 -1.83 17.12
N ALA A 17 14.37 -0.85 16.60
CA ALA A 17 13.50 0.01 17.41
C ALA A 17 12.37 -0.78 18.14
N LEU A 18 11.64 -1.61 17.41
CA LEU A 18 10.53 -2.34 18.01
C LEU A 18 11.03 -3.32 19.07
N TRP A 19 12.09 -4.04 18.74
CA TRP A 19 12.65 -5.05 19.62
C TRP A 19 12.98 -4.48 21.00
N LYS A 20 13.61 -3.30 21.03
CA LYS A 20 14.03 -2.66 22.29
C LYS A 20 12.85 -1.97 23.01
N HIS A 21 11.67 -1.92 22.36
CA HIS A 21 10.56 -1.17 22.94
C HIS A 21 10.08 -1.78 24.28
N GLN A 22 9.65 -0.94 25.21
CA GLN A 22 9.22 -1.41 26.51
C GLN A 22 7.98 -2.32 26.44
N PHE A 23 7.20 -2.24 25.36
CA PHE A 23 6.08 -3.17 25.22
C PHE A 23 6.42 -4.44 24.40
N ALA A 24 7.69 -4.62 24.05
CA ALA A 24 8.06 -5.67 23.10
C ALA A 24 8.17 -7.07 23.66
N TRP A 25 8.40 -7.17 24.98
CA TRP A 25 8.76 -8.45 25.59
C TRP A 25 7.84 -9.65 25.27
N PRO A 26 6.51 -9.46 25.21
CA PRO A 26 5.63 -10.57 24.85
C PRO A 26 5.81 -11.08 23.43
N PHE A 27 6.50 -10.30 22.59
CA PHE A 27 6.49 -10.56 21.14
C PHE A 27 7.85 -11.02 20.61
N ARG A 28 8.86 -11.04 21.48
CA ARG A 28 10.23 -11.37 21.08
C ARG A 28 10.47 -12.86 20.83
N GLN A 29 9.56 -13.73 21.24
CA GLN A 29 9.71 -15.18 21.03
C GLN A 29 8.32 -15.74 20.70
N PRO A 30 8.23 -16.94 20.11
CA PRO A 30 6.93 -17.56 19.86
C PRO A 30 6.10 -17.60 21.13
N VAL A 31 4.78 -17.44 20.97
CA VAL A 31 3.85 -17.60 22.07
C VAL A 31 4.03 -19.04 22.58
N ASP A 32 4.27 -19.18 23.89
CA ASP A 32 4.42 -20.48 24.55
C ASP A 32 3.10 -20.80 25.20
N ALA A 33 2.28 -21.60 24.54
CA ALA A 33 0.89 -21.82 24.94
C ALA A 33 0.79 -22.65 26.24
N VAL A 34 1.76 -23.55 26.43
CA VAL A 34 1.94 -24.27 27.71
C VAL A 34 2.31 -23.30 28.84
N LYS A 35 3.49 -22.66 28.79
CA LYS A 35 3.88 -21.77 29.90
C LYS A 35 2.77 -20.82 30.29
N LEU A 36 2.02 -20.33 29.29
CA LEU A 36 1.10 -19.21 29.49
C LEU A 36 -0.32 -19.58 29.89
N GLY A 37 -0.65 -20.85 29.78
CA GLY A 37 -1.93 -21.37 30.22
C GLY A 37 -3.01 -21.20 29.18
N LEU A 38 -2.64 -21.42 27.91
CA LEU A 38 -3.44 -21.00 26.76
C LEU A 38 -3.72 -22.16 25.82
N PRO A 39 -4.50 -23.15 26.27
CA PRO A 39 -4.59 -24.42 25.53
C PRO A 39 -5.41 -24.27 24.26
N ASP A 40 -6.11 -23.15 24.11
CA ASP A 40 -6.83 -22.93 22.88
C ASP A 40 -6.03 -22.08 21.86
N TYR A 41 -4.81 -21.68 22.18
CA TYR A 41 -4.12 -20.69 21.34
C TYR A 41 -3.89 -21.16 19.89
N HIS A 42 -3.32 -22.37 19.76
CA HIS A 42 -3.10 -22.97 18.46
C HIS A 42 -4.35 -23.51 17.76
N LYS A 43 -5.49 -23.44 18.42
CA LYS A 43 -6.73 -23.82 17.73
C LYS A 43 -7.28 -22.61 17.02
N ILE A 44 -6.95 -21.44 17.54
CA ILE A 44 -7.44 -20.17 17.00
C ILE A 44 -6.45 -19.52 16.05
N ILE A 45 -5.18 -19.55 16.42
CA ILE A 45 -4.12 -18.96 15.64
C ILE A 45 -3.39 -20.02 14.83
N LYS A 46 -3.58 -19.96 13.52
CA LYS A 46 -3.10 -21.00 12.63
C LYS A 46 -1.69 -20.69 12.07
N GLN A 47 -1.33 -19.43 12.16
CA GLN A 47 -0.03 -18.99 11.70
C GLN A 47 0.71 -18.17 12.77
N PRO A 48 1.34 -18.85 13.76
CA PRO A 48 2.01 -18.10 14.83
C PRO A 48 3.15 -17.27 14.21
N MSE A 49 3.32 -16.03 14.68
CA MSE A 49 4.44 -15.19 14.25
C MSE A 49 4.95 -14.38 15.44
O MSE A 49 4.18 -14.04 16.34
CB MSE A 49 4.05 -14.27 13.10
CG MSE A 49 5.23 -13.54 12.44
SE MSE A 49 6.70 -14.74 11.80
CE MSE A 49 5.72 -16.10 10.73
N ASP A 50 6.25 -14.10 15.44
CA ASP A 50 6.92 -13.41 16.54
C ASP A 50 8.15 -12.67 15.99
N MSE A 51 8.61 -11.64 16.71
CA MSE A 51 9.80 -10.88 16.26
C MSE A 51 11.06 -11.72 16.12
O MSE A 51 11.88 -11.42 15.29
CB MSE A 51 10.11 -9.71 17.18
CG MSE A 51 8.93 -8.76 17.37
SE MSE A 51 9.52 -7.29 18.60
CE MSE A 51 7.90 -6.04 18.20
N GLY A 52 11.24 -12.72 16.99
CA GLY A 52 12.44 -13.56 16.91
C GLY A 52 12.54 -14.25 15.56
N THR A 53 11.43 -14.86 15.15
CA THR A 53 11.31 -15.48 13.85
C THR A 53 11.61 -14.49 12.73
N ILE A 54 10.99 -13.31 12.78
CA ILE A 54 11.15 -12.30 11.73
C ILE A 54 12.62 -11.85 11.70
N LYS A 55 13.17 -11.56 12.87
CA LYS A 55 14.59 -11.18 12.94
C LYS A 55 15.56 -12.26 12.33
N ARG A 56 15.35 -13.51 12.72
CA ARG A 56 16.19 -14.60 12.21
C ARG A 56 16.03 -14.75 10.68
N ARG A 57 14.81 -14.56 10.17
CA ARG A 57 14.55 -14.56 8.71
C ARG A 57 15.28 -13.41 7.99
N LEU A 58 15.33 -12.24 8.62
CA LEU A 58 16.09 -11.14 8.05
C LEU A 58 17.63 -11.43 8.06
N GLU A 59 18.13 -12.10 9.09
CA GLU A 59 19.55 -12.42 9.20
C GLU A 59 19.98 -13.56 8.25
N ASN A 60 19.02 -14.40 7.87
CA ASN A 60 19.31 -15.60 7.08
C ASN A 60 18.94 -15.44 5.61
N ASN A 61 18.63 -14.21 5.19
CA ASN A 61 18.20 -13.97 3.82
C ASN A 61 16.95 -14.74 3.40
N TYR A 62 15.99 -14.94 4.30
CA TYR A 62 14.78 -15.67 3.97
C TYR A 62 13.90 -14.88 3.03
N TYR A 63 13.81 -13.57 3.23
CA TYR A 63 12.94 -12.74 2.44
C TYR A 63 13.56 -12.32 1.12
N TRP A 64 12.71 -12.31 0.10
CA TRP A 64 13.07 -11.81 -1.21
C TRP A 64 12.73 -10.32 -1.33
N ALA A 65 11.68 -9.88 -0.63
CA ALA A 65 11.19 -8.51 -0.79
C ALA A 65 10.74 -7.96 0.55
N ALA A 66 10.85 -6.64 0.71
CA ALA A 66 10.41 -5.97 1.96
C ALA A 66 8.97 -6.33 2.29
N SER A 67 8.10 -6.40 1.27
CA SER A 67 6.66 -6.66 1.47
C SER A 67 6.44 -7.97 2.21
N GLU A 68 7.29 -8.95 1.90
CA GLU A 68 7.18 -10.25 2.52
C GLU A 68 7.41 -10.15 4.04
N CYS A 69 8.39 -9.34 4.40
CA CYS A 69 8.70 -9.11 5.81
C CYS A 69 7.61 -8.31 6.54
N MSE A 70 7.12 -7.29 5.88
CA MSE A 70 6.01 -6.50 6.40
C MSE A 70 4.75 -7.33 6.66
O MSE A 70 4.05 -7.09 7.64
CB MSE A 70 5.74 -5.34 5.44
CG MSE A 70 6.85 -4.30 5.46
SE MSE A 70 6.72 -3.13 3.89
CE MSE A 70 4.87 -2.38 4.11
N GLN A 71 4.47 -8.31 5.79
CA GLN A 71 3.37 -9.28 6.01
C GLN A 71 3.52 -10.11 7.29
N ASP A 72 4.71 -10.65 7.53
CA ASP A 72 4.95 -11.32 8.82
C ASP A 72 4.73 -10.41 10.04
N PHE A 73 5.21 -9.17 9.99
CA PHE A 73 4.92 -8.21 11.09
C PHE A 73 3.39 -8.10 11.24
N ASN A 74 2.68 -7.93 10.14
CA ASN A 74 1.23 -7.80 10.21
C ASN A 74 0.56 -9.03 10.83
N THR A 75 0.97 -10.22 10.41
CA THR A 75 0.40 -11.45 10.97
C THR A 75 0.59 -11.52 12.50
N MSE A 76 1.80 -11.19 12.96
CA MSE A 76 2.07 -11.13 14.41
C MSE A 76 1.08 -10.23 15.16
O MSE A 76 0.50 -10.63 16.17
CB MSE A 76 3.50 -10.63 14.67
CG MSE A 76 3.81 -10.42 16.17
SE MSE A 76 5.68 -9.79 16.33
CE MSE A 76 5.46 -8.01 15.64
N PHE A 77 0.88 -9.02 14.65
CA PHE A 77 -0.03 -8.09 15.30
C PHE A 77 -1.46 -8.57 15.19
N THR A 78 -1.86 -9.04 13.99
CA THR A 78 -3.22 -9.50 13.81
C THR A 78 -3.57 -10.74 14.70
N ASN A 79 -2.66 -11.72 14.78
CA ASN A 79 -2.82 -12.84 15.72
C ASN A 79 -3.22 -12.36 17.12
N CYS A 80 -2.51 -11.35 17.59
CA CYS A 80 -2.77 -10.75 18.91
C CYS A 80 -4.21 -10.18 19.00
N TYR A 81 -4.62 -9.37 18.02
CA TYR A 81 -5.97 -8.79 18.06
C TYR A 81 -7.03 -9.87 17.97
N ILE A 82 -6.79 -10.91 17.15
CA ILE A 82 -7.75 -11.99 16.97
C ILE A 82 -7.87 -12.91 18.20
N TYR A 83 -6.73 -13.33 18.75
CA TYR A 83 -6.74 -14.23 19.90
C TYR A 83 -7.22 -13.58 21.20
N ASN A 84 -6.66 -12.42 21.53
CA ASN A 84 -6.87 -11.81 22.84
C ASN A 84 -8.21 -11.10 23.00
N LYS A 85 -8.64 -10.84 24.24
CA LYS A 85 -9.90 -10.09 24.48
C LYS A 85 -9.62 -8.61 24.17
N PRO A 86 -10.62 -7.85 23.73
CA PRO A 86 -10.42 -6.39 23.49
C PRO A 86 -9.76 -5.68 24.67
N THR A 87 -10.02 -6.16 25.89
CA THR A 87 -9.65 -5.45 27.13
C THR A 87 -8.30 -5.82 27.69
N ASP A 88 -7.65 -6.77 27.03
CA ASP A 88 -6.32 -7.22 27.43
C ASP A 88 -5.28 -6.17 27.17
N ASP A 89 -4.41 -5.95 28.15
CA ASP A 89 -3.26 -5.04 27.97
C ASP A 89 -2.42 -5.38 26.73
N ILE A 90 -2.27 -6.66 26.44
CA ILE A 90 -1.42 -7.07 25.29
C ILE A 90 -1.87 -6.43 23.97
N VAL A 91 -3.18 -6.22 23.84
CA VAL A 91 -3.74 -5.60 22.65
C VAL A 91 -3.23 -4.15 22.55
N LEU A 92 -3.24 -3.41 23.67
CA LEU A 92 -2.75 -2.03 23.66
C LEU A 92 -1.27 -1.98 23.29
N MSE A 93 -0.52 -2.92 23.83
CA MSE A 93 0.91 -3.10 23.53
C MSE A 93 1.19 -3.33 22.03
O MSE A 93 2.04 -2.65 21.43
CB MSE A 93 1.42 -4.24 24.40
CG MSE A 93 1.22 -3.91 25.90
SE MSE A 93 1.71 -5.36 27.16
CE MSE A 93 3.49 -5.43 26.78
N ALA A 94 0.45 -4.25 21.43
CA ALA A 94 0.53 -4.51 19.99
C ALA A 94 0.16 -3.29 19.16
N GLN A 95 -0.92 -2.58 19.50
CA GLN A 95 -1.29 -1.35 18.78
C GLN A 95 -0.18 -0.31 18.84
N THR A 96 0.44 -0.14 20.01
CA THR A 96 1.51 0.84 20.18
C THR A 96 2.69 0.48 19.27
N LEU A 97 3.08 -0.78 19.32
CA LEU A 97 4.18 -1.26 18.48
C LEU A 97 3.86 -1.16 16.99
N GLU A 98 2.60 -1.47 16.64
CA GLU A 98 2.22 -1.47 15.24
C GLU A 98 2.24 -0.06 14.65
N LYS A 99 1.89 0.96 15.45
CA LYS A 99 1.93 2.35 15.00
C LYS A 99 3.35 2.80 14.68
N ILE A 100 4.32 2.41 15.51
CA ILE A 100 5.73 2.63 15.19
C ILE A 100 6.13 1.93 13.87
N PHE A 101 5.76 0.67 13.76
CA PHE A 101 6.01 -0.11 12.56
C PHE A 101 5.52 0.67 11.30
N LEU A 102 4.30 1.19 11.33
CA LEU A 102 3.73 1.89 10.17
C LEU A 102 4.43 3.21 9.87
N GLN A 103 4.74 3.94 10.97
CA GLN A 103 5.47 5.20 10.94
C GLN A 103 6.83 4.98 10.30
N LYS A 104 7.55 3.94 10.74
CA LYS A 104 8.86 3.64 10.15
C LYS A 104 8.76 3.16 8.69
N VAL A 105 7.71 2.40 8.35
CA VAL A 105 7.53 1.93 6.97
C VAL A 105 7.30 3.12 6.06
N ALA A 106 6.64 4.15 6.56
CA ALA A 106 6.44 5.38 5.79
C ALA A 106 7.74 6.13 5.41
N SER A 107 8.85 5.85 6.11
CA SER A 107 10.14 6.42 5.68
C SER A 107 11.13 5.40 5.16
N MSE A 108 10.66 4.21 4.84
CA MSE A 108 11.54 3.24 4.22
C MSE A 108 12.08 3.84 2.91
O MSE A 108 11.30 4.46 2.15
CB MSE A 108 10.75 1.97 3.94
CG MSE A 108 11.58 0.77 3.55
SE MSE A 108 10.54 -0.86 3.75
CE MSE A 108 9.08 -0.36 2.43
N PRO A 109 13.38 3.66 2.63
CA PRO A 109 13.96 4.13 1.36
C PRO A 109 13.32 3.43 0.14
N GLN A 110 13.12 4.15 -0.97
CA GLN A 110 12.24 3.64 -2.03
C GLN A 110 12.85 3.31 -3.39
N GLU A 111 14.14 3.01 -3.38
CA GLU A 111 14.76 2.33 -4.49
C GLU A 111 14.85 0.81 -4.21
N GLU A 112 13.71 0.12 -4.02
CA GLU A 112 13.72 -1.35 -3.77
C GLU A 112 14.80 -2.12 -4.57
N GLN A 113 15.99 -2.30 -4.00
CA GLN A 113 17.11 -2.87 -4.76
C GLN A 113 18.19 -3.70 -4.02
N GLU A 114 18.57 -4.81 -4.66
CA GLU A 114 19.86 -5.55 -4.49
C GLU A 114 19.78 -7.00 -5.01
N GLY B 1 -3.36 23.65 -1.11
CA GLY B 1 -2.53 22.41 -0.85
C GLY B 1 -1.97 21.88 -2.16
N ARG B 2 -0.86 21.14 -2.07
CA ARG B 2 -0.17 20.57 -3.25
C ARG B 2 -0.23 19.03 -3.35
N VAL B 3 -0.41 18.36 -2.19
CA VAL B 3 -0.49 16.90 -2.10
C VAL B 3 0.88 16.25 -2.29
N THR B 4 1.39 15.64 -1.22
CA THR B 4 2.69 14.97 -1.29
C THR B 4 2.58 13.75 -2.18
N ASN B 5 3.70 13.33 -2.77
CA ASN B 5 3.70 12.11 -3.57
C ASN B 5 3.11 10.91 -2.80
N GLN B 6 3.39 10.80 -1.50
CA GLN B 6 2.85 9.69 -0.67
C GLN B 6 1.32 9.71 -0.54
N LEU B 7 0.73 10.88 -0.32
CA LEU B 7 -0.71 10.98 -0.22
C LEU B 7 -1.40 10.76 -1.57
N GLN B 8 -0.71 11.17 -2.64
CA GLN B 8 -1.17 10.92 -3.99
C GLN B 8 -1.16 9.43 -4.28
N TYR B 9 -0.06 8.78 -3.90
CA TYR B 9 0.02 7.36 -4.03
C TYR B 9 -1.06 6.65 -3.19
N LEU B 10 -1.29 7.08 -1.95
CA LEU B 10 -2.34 6.47 -1.13
C LEU B 10 -3.71 6.58 -1.76
N HIS B 11 -3.95 7.72 -2.40
CA HIS B 11 -5.23 7.97 -3.04
C HIS B 11 -5.38 7.16 -4.31
N LYS B 12 -4.38 7.28 -5.18
CA LYS B 12 -4.50 6.83 -6.55
C LYS B 12 -4.14 5.38 -6.73
N VAL B 13 -3.31 4.85 -5.85
CA VAL B 13 -2.97 3.44 -5.90
C VAL B 13 -3.65 2.61 -4.77
N VAL B 14 -3.48 3.01 -3.51
CA VAL B 14 -4.02 2.23 -2.39
C VAL B 14 -5.54 2.23 -2.28
N MSE B 15 -6.14 3.40 -2.09
CA MSE B 15 -7.58 3.52 -1.99
C MSE B 15 -8.26 3.07 -3.28
O MSE B 15 -9.34 2.50 -3.26
CB MSE B 15 -7.99 4.96 -1.68
CG MSE B 15 -9.52 5.08 -1.52
SE MSE B 15 -10.25 3.71 -0.21
CE MSE B 15 -9.94 4.89 1.43
N LYS B 16 -7.62 3.33 -4.40
CA LYS B 16 -8.15 2.92 -5.70
C LYS B 16 -8.36 1.42 -5.72
N ALA B 17 -7.30 0.67 -5.41
CA ALA B 17 -7.39 -0.80 -5.35
C ALA B 17 -8.41 -1.31 -4.30
N LEU B 18 -8.39 -0.74 -3.08
CA LEU B 18 -9.25 -1.22 -1.98
C LEU B 18 -10.77 -0.88 -2.16
N TRP B 19 -11.06 0.35 -2.58
CA TRP B 19 -12.44 0.82 -2.71
C TRP B 19 -13.28 -0.07 -3.63
N LYS B 20 -12.64 -0.55 -4.71
CA LYS B 20 -13.33 -1.38 -5.72
C LYS B 20 -13.21 -2.90 -5.49
N HIS B 21 -12.43 -3.31 -4.49
CA HIS B 21 -12.23 -4.72 -4.22
C HIS B 21 -13.59 -5.35 -3.92
N GLN B 22 -13.76 -6.61 -4.28
CA GLN B 22 -15.00 -7.32 -4.03
C GLN B 22 -15.27 -7.58 -2.54
N PHE B 23 -14.22 -7.49 -1.71
CA PHE B 23 -14.41 -7.69 -0.26
C PHE B 23 -14.65 -6.38 0.48
N ALA B 24 -14.70 -5.28 -0.27
CA ALA B 24 -14.70 -3.93 0.32
C ALA B 24 -16.03 -3.47 0.89
N TRP B 25 -17.13 -4.01 0.38
CA TRP B 25 -18.45 -3.47 0.72
C TRP B 25 -18.76 -3.32 2.23
N PRO B 26 -18.36 -4.26 3.12
CA PRO B 26 -18.59 -4.05 4.57
C PRO B 26 -17.91 -2.83 5.15
N PHE B 27 -16.92 -2.29 4.42
CA PHE B 27 -15.98 -1.31 4.97
C PHE B 27 -16.13 0.06 4.34
N ARG B 28 -17.07 0.20 3.42
CA ARG B 28 -17.18 1.42 2.64
C ARG B 28 -17.91 2.56 3.39
N GLN B 29 -18.65 2.23 4.42
CA GLN B 29 -19.38 3.22 5.19
C GLN B 29 -19.17 2.84 6.67
N PRO B 30 -19.39 3.78 7.60
CA PRO B 30 -19.27 3.45 9.03
C PRO B 30 -20.17 2.28 9.36
N VAL B 31 -19.69 1.42 10.26
CA VAL B 31 -20.48 0.32 10.75
C VAL B 31 -21.76 0.90 11.34
N ASP B 32 -22.90 0.35 10.93
CA ASP B 32 -24.19 0.69 11.47
C ASP B 32 -24.63 -0.39 12.44
N ALA B 33 -24.39 -0.13 13.72
CA ALA B 33 -24.64 -1.07 14.81
C ALA B 33 -26.13 -1.42 14.94
N VAL B 34 -26.98 -0.43 14.68
CA VAL B 34 -28.45 -0.61 14.61
C VAL B 34 -28.84 -1.59 13.49
N LYS B 35 -28.45 -1.28 12.25
CA LYS B 35 -28.73 -2.13 11.09
C LYS B 35 -28.20 -3.55 11.29
N LEU B 36 -26.98 -3.64 11.83
CA LEU B 36 -26.32 -4.93 12.04
C LEU B 36 -26.64 -5.64 13.38
N GLY B 37 -27.42 -5.01 14.26
CA GLY B 37 -27.87 -5.67 15.48
C GLY B 37 -26.68 -5.96 16.37
N LEU B 38 -25.92 -4.90 16.63
CA LEU B 38 -24.62 -4.98 17.28
C LEU B 38 -24.57 -4.03 18.45
N PRO B 39 -25.37 -4.27 19.50
CA PRO B 39 -25.53 -3.31 20.60
C PRO B 39 -24.22 -2.95 21.34
N ASP B 40 -23.27 -3.90 21.38
CA ASP B 40 -21.97 -3.71 22.03
C ASP B 40 -20.91 -3.01 21.17
N TYR B 41 -21.21 -2.74 19.90
CA TYR B 41 -20.18 -2.27 18.97
C TYR B 41 -19.42 -1.05 19.46
N HIS B 42 -20.17 -0.02 19.85
CA HIS B 42 -19.54 1.22 20.26
C HIS B 42 -18.99 1.14 21.68
N LYS B 43 -19.34 0.07 22.39
CA LYS B 43 -18.77 -0.19 23.71
C LYS B 43 -17.33 -0.72 23.54
N ILE B 44 -17.11 -1.55 22.53
CA ILE B 44 -15.80 -2.17 22.31
C ILE B 44 -14.93 -1.29 21.42
N ILE B 45 -15.52 -0.73 20.35
CA ILE B 45 -14.75 0.06 19.40
C ILE B 45 -14.91 1.56 19.65
N LYS B 46 -13.84 2.18 20.10
CA LYS B 46 -13.93 3.57 20.57
C LYS B 46 -13.59 4.57 19.47
N GLN B 47 -12.94 4.07 18.42
CA GLN B 47 -12.57 4.86 17.28
C GLN B 47 -13.01 4.21 15.94
N PRO B 48 -14.30 4.31 15.57
CA PRO B 48 -14.77 3.66 14.36
C PRO B 48 -14.04 4.26 13.15
N MSE B 49 -13.73 3.44 12.15
CA MSE B 49 -13.11 3.95 10.92
C MSE B 49 -13.57 3.11 9.72
O MSE B 49 -13.87 1.93 9.85
CB MSE B 49 -11.59 3.92 11.00
CG MSE B 49 -10.83 4.62 9.85
SE MSE B 49 -11.39 6.53 9.47
CE MSE B 49 -11.23 7.27 11.33
N ASP B 50 -13.61 3.75 8.55
CA ASP B 50 -14.20 3.12 7.37
C ASP B 50 -13.61 3.81 6.13
N MSE B 51 -13.71 3.13 4.97
CA MSE B 51 -13.06 3.64 3.75
C MSE B 51 -13.70 4.89 3.18
O MSE B 51 -13.03 5.69 2.53
CB MSE B 51 -13.03 2.61 2.63
CG MSE B 51 -12.17 1.42 2.87
SE MSE B 51 -12.34 0.28 1.22
CE MSE B 51 -11.70 -1.44 2.09
N GLY B 52 -15.00 5.05 3.40
CA GLY B 52 -15.67 6.28 2.94
C GLY B 52 -15.08 7.49 3.60
N THR B 53 -14.90 7.42 4.92
CA THR B 53 -14.25 8.46 5.67
C THR B 53 -12.82 8.72 5.18
N ILE B 54 -12.03 7.67 5.02
CA ILE B 54 -10.65 7.85 4.60
C ILE B 54 -10.58 8.44 3.17
N LYS B 55 -11.44 7.95 2.29
CA LYS B 55 -11.49 8.41 0.88
C LYS B 55 -11.88 9.89 0.82
N ARG B 56 -12.93 10.25 1.55
CA ARG B 56 -13.32 11.63 1.70
C ARG B 56 -12.11 12.45 2.14
N ARG B 57 -11.44 11.99 3.20
CA ARG B 57 -10.28 12.70 3.74
C ARG B 57 -9.15 12.90 2.71
N LEU B 58 -8.89 11.87 1.92
CA LEU B 58 -7.95 11.93 0.81
C LEU B 58 -8.36 12.91 -0.32
N GLU B 59 -9.66 13.03 -0.57
CA GLU B 59 -10.17 13.95 -1.58
C GLU B 59 -10.13 15.41 -1.11
N ASN B 60 -10.39 15.63 0.20
CA ASN B 60 -10.52 16.98 0.79
C ASN B 60 -9.23 17.50 1.43
N ASN B 61 -8.10 16.86 1.11
CA ASN B 61 -6.80 17.18 1.70
C ASN B 61 -6.76 17.32 3.24
N TYR B 62 -7.46 16.42 3.94
CA TYR B 62 -7.52 16.47 5.41
C TYR B 62 -6.17 16.09 6.02
N TYR B 63 -5.45 15.15 5.38
CA TYR B 63 -4.19 14.63 5.91
C TYR B 63 -2.93 15.51 5.69
N TRP B 64 -2.11 15.60 6.73
CA TRP B 64 -0.84 16.35 6.67
C TRP B 64 0.34 15.45 6.25
N ALA B 65 0.29 14.17 6.62
CA ALA B 65 1.30 13.18 6.26
C ALA B 65 0.67 11.84 5.92
N ALA B 66 1.36 11.05 5.09
CA ALA B 66 0.96 9.68 4.74
C ALA B 66 0.68 8.78 5.94
N SER B 67 1.59 8.78 6.93
CA SER B 67 1.44 7.95 8.13
C SER B 67 0.09 8.16 8.83
N GLU B 68 -0.46 9.37 8.76
CA GLU B 68 -1.79 9.66 9.29
C GLU B 68 -2.95 8.91 8.63
N CYS B 69 -2.95 8.93 7.30
CA CYS B 69 -3.87 8.11 6.51
C CYS B 69 -3.64 6.63 6.75
N MSE B 70 -2.38 6.20 6.71
CA MSE B 70 -2.05 4.79 7.00
C MSE B 70 -2.53 4.30 8.38
O MSE B 70 -2.94 3.14 8.53
CB MSE B 70 -0.53 4.58 6.90
CG MSE B 70 -0.02 4.64 5.48
SE MSE B 70 1.90 4.88 5.48
CE MSE B 70 2.53 3.18 6.12
N GLN B 71 -2.47 5.18 9.38
CA GLN B 71 -2.99 4.88 10.72
C GLN B 71 -4.50 4.61 10.65
N ASP B 72 -5.23 5.46 9.91
CA ASP B 72 -6.67 5.24 9.71
C ASP B 72 -7.01 3.90 9.08
N PHE B 73 -6.35 3.56 7.98
CA PHE B 73 -6.45 2.21 7.40
C PHE B 73 -6.20 1.14 8.49
N ASN B 74 -5.12 1.28 9.24
CA ASN B 74 -4.83 0.32 10.31
C ASN B 74 -5.95 0.21 11.36
N THR B 75 -6.45 1.35 11.82
CA THR B 75 -7.55 1.35 12.82
C THR B 75 -8.78 0.62 12.31
N MSE B 76 -9.12 0.90 11.05
CA MSE B 76 -10.25 0.21 10.41
C MSE B 76 -10.08 -1.30 10.44
O MSE B 76 -11.01 -2.02 10.83
CB MSE B 76 -10.43 0.65 8.95
CG MSE B 76 -11.50 -0.18 8.20
SE MSE B 76 -11.63 0.51 6.37
CE MSE B 76 -10.05 -0.29 5.57
N PHE B 77 -8.91 -1.78 10.03
CA PHE B 77 -8.65 -3.23 10.05
C PHE B 77 -8.63 -3.81 11.49
N THR B 78 -7.95 -3.12 12.39
CA THR B 78 -7.83 -3.57 13.77
C THR B 78 -9.17 -3.61 14.52
N ASN B 79 -9.99 -2.57 14.30
CA ASN B 79 -11.35 -2.54 14.84
C ASN B 79 -12.05 -3.87 14.55
N CYS B 80 -11.93 -4.30 13.30
CA CYS B 80 -12.59 -5.49 12.83
C CYS B 80 -12.07 -6.74 13.57
N TYR B 81 -10.76 -6.86 13.72
CA TYR B 81 -10.19 -8.04 14.36
C TYR B 81 -10.53 -8.08 15.85
N ILE B 82 -10.60 -6.90 16.48
CA ILE B 82 -10.90 -6.81 17.90
C ILE B 82 -12.39 -7.10 18.18
N TYR B 83 -13.27 -6.47 17.40
CA TYR B 83 -14.71 -6.66 17.63
C TYR B 83 -15.23 -8.06 17.30
N ASN B 84 -14.86 -8.55 16.11
CA ASN B 84 -15.49 -9.74 15.54
C ASN B 84 -14.87 -11.03 16.07
N LYS B 85 -15.57 -12.14 15.93
CA LYS B 85 -15.08 -13.48 16.31
C LYS B 85 -14.02 -13.95 15.31
N PRO B 86 -12.98 -14.67 15.78
CA PRO B 86 -11.94 -15.18 14.89
C PRO B 86 -12.50 -15.87 13.64
N THR B 87 -13.67 -16.49 13.77
CA THR B 87 -14.25 -17.34 12.70
C THR B 87 -15.17 -16.60 11.71
N ASP B 88 -15.48 -15.34 12.00
CA ASP B 88 -16.31 -14.51 11.12
C ASP B 88 -15.65 -14.28 9.78
N ASP B 89 -16.43 -14.43 8.69
CA ASP B 89 -15.98 -14.07 7.35
C ASP B 89 -15.40 -12.66 7.26
N ILE B 90 -15.98 -11.70 7.96
CA ILE B 90 -15.50 -10.32 7.88
C ILE B 90 -14.01 -10.23 8.22
N VAL B 91 -13.54 -11.11 9.09
CA VAL B 91 -12.14 -11.11 9.51
C VAL B 91 -11.28 -11.50 8.31
N LEU B 92 -11.73 -12.52 7.59
CA LEU B 92 -11.01 -12.97 6.40
C LEU B 92 -10.99 -11.84 5.33
N MSE B 93 -12.10 -11.15 5.16
CA MSE B 93 -12.21 -10.04 4.22
C MSE B 93 -11.23 -8.92 4.58
O MSE B 93 -10.45 -8.49 3.74
CB MSE B 93 -13.65 -9.56 4.16
CG MSE B 93 -14.59 -10.67 3.57
SE MSE B 93 -16.46 -10.35 3.91
CE MSE B 93 -16.70 -9.31 2.29
N ALA B 94 -11.24 -8.49 5.84
CA ALA B 94 -10.27 -7.54 6.37
C ALA B 94 -8.83 -7.96 6.14
N GLN B 95 -8.48 -9.19 6.50
CA GLN B 95 -7.12 -9.68 6.27
C GLN B 95 -6.68 -9.57 4.82
N THR B 96 -7.58 -9.94 3.91
CA THR B 96 -7.25 -9.92 2.48
C THR B 96 -7.03 -8.46 2.03
N LEU B 97 -7.93 -7.57 2.39
CA LEU B 97 -7.77 -6.17 2.09
C LEU B 97 -6.51 -5.59 2.72
N GLU B 98 -6.18 -6.03 3.92
CA GLU B 98 -5.03 -5.43 4.60
C GLU B 98 -3.75 -5.89 3.95
N LYS B 99 -3.75 -7.11 3.45
CA LYS B 99 -2.59 -7.62 2.71
C LYS B 99 -2.32 -6.74 1.49
N ILE B 100 -3.35 -6.40 0.74
CA ILE B 100 -3.17 -5.49 -0.40
C ILE B 100 -2.61 -4.14 0.08
N PHE B 101 -3.20 -3.60 1.15
CA PHE B 101 -2.76 -2.35 1.75
C PHE B 101 -1.22 -2.38 1.98
N LEU B 102 -0.75 -3.41 2.64
CA LEU B 102 0.67 -3.49 2.98
C LEU B 102 1.56 -3.65 1.74
N GLN B 103 1.10 -4.50 0.81
CA GLN B 103 1.79 -4.72 -0.45
C GLN B 103 1.97 -3.40 -1.17
N LYS B 104 0.90 -2.61 -1.26
CA LYS B 104 1.03 -1.34 -1.97
C LYS B 104 1.89 -0.36 -1.22
N VAL B 105 1.74 -0.32 0.09
CA VAL B 105 2.47 0.63 0.88
C VAL B 105 3.98 0.29 0.82
N ALA B 106 4.33 -0.98 0.61
CA ALA B 106 5.72 -1.33 0.38
C ALA B 106 6.40 -0.53 -0.78
N SER B 107 5.61 -0.15 -1.78
CA SER B 107 6.13 0.55 -2.96
C SER B 107 5.82 2.02 -2.97
N MSE B 108 5.35 2.55 -1.86
CA MSE B 108 5.01 3.97 -1.79
C MSE B 108 6.28 4.84 -2.00
O MSE B 108 7.36 4.50 -1.50
CB MSE B 108 4.33 4.24 -0.47
CG MSE B 108 3.75 5.63 -0.24
SE MSE B 108 2.92 5.67 1.57
CE MSE B 108 4.43 4.69 2.54
N PRO B 109 6.16 5.95 -2.74
CA PRO B 109 7.31 6.85 -2.96
C PRO B 109 7.87 7.28 -1.61
N GLN B 110 9.08 7.81 -1.60
CA GLN B 110 9.66 8.42 -0.40
C GLN B 110 8.92 9.69 -0.07
N GLU B 111 9.02 10.13 1.18
CA GLU B 111 8.50 11.43 1.58
C GLU B 111 9.46 12.50 1.06
N GLU B 112 8.94 13.72 0.93
CA GLU B 112 9.73 14.90 0.55
C GLU B 112 10.21 14.89 -0.91
N THR C 4 -0.50 -4.45 -38.19
CA THR C 4 -0.65 -3.97 -36.77
C THR C 4 0.01 -4.91 -35.81
N ASN C 5 0.94 -5.72 -36.28
CA ASN C 5 1.82 -6.42 -35.36
C ASN C 5 2.52 -5.38 -34.47
N GLN C 6 2.85 -4.22 -35.01
CA GLN C 6 3.53 -3.17 -34.23
C GLN C 6 2.61 -2.65 -33.12
N LEU C 7 1.39 -2.28 -33.51
CA LEU C 7 0.39 -1.81 -32.57
C LEU C 7 0.07 -2.86 -31.53
N GLN C 8 0.03 -4.13 -31.97
CA GLN C 8 -0.31 -5.24 -31.08
C GLN C 8 0.81 -5.46 -30.09
N TYR C 9 2.03 -5.26 -30.57
CA TYR C 9 3.20 -5.30 -29.72
C TYR C 9 3.17 -4.13 -28.72
N LEU C 10 2.90 -2.92 -29.19
CA LEU C 10 2.78 -1.78 -28.26
C LEU C 10 1.76 -2.01 -27.15
N HIS C 11 0.66 -2.66 -27.49
CA HIS C 11 -0.45 -2.92 -26.55
C HIS C 11 -0.07 -4.09 -25.63
N LYS C 12 0.25 -5.22 -26.27
CA LYS C 12 0.38 -6.50 -25.60
C LYS C 12 1.72 -6.73 -24.94
N VAL C 13 2.74 -5.98 -25.36
CA VAL C 13 4.03 -6.09 -24.69
C VAL C 13 4.48 -4.80 -23.97
N VAL C 14 4.48 -3.69 -24.70
CA VAL C 14 4.97 -2.45 -24.13
C VAL C 14 4.08 -1.91 -23.01
N MSE C 15 2.81 -1.67 -23.33
CA MSE C 15 1.84 -1.13 -22.37
C MSE C 15 1.61 -2.08 -21.19
O MSE C 15 1.53 -1.64 -20.05
CB MSE C 15 0.52 -0.78 -23.04
CG MSE C 15 -0.52 -0.11 -22.08
SE MSE C 15 0.21 1.38 -21.02
CE MSE C 15 -0.27 2.80 -22.34
N LYS C 16 1.52 -3.39 -21.47
CA LYS C 16 1.42 -4.44 -20.43
C LYS C 16 2.47 -4.22 -19.34
N ALA C 17 3.71 -4.14 -19.78
CA ALA C 17 4.84 -3.91 -18.88
C ALA C 17 4.79 -2.53 -18.24
N LEU C 18 4.51 -1.48 -19.01
CA LEU C 18 4.56 -0.14 -18.42
C LEU C 18 3.43 0.10 -17.45
N TRP C 19 2.25 -0.37 -17.80
CA TRP C 19 1.06 -0.17 -16.95
C TRP C 19 1.24 -0.73 -15.51
N LYS C 20 1.86 -1.89 -15.36
CA LYS C 20 1.98 -2.53 -14.03
C LYS C 20 3.24 -2.18 -13.24
N HIS C 21 4.15 -1.44 -13.86
CA HIS C 21 5.39 -1.02 -13.22
C HIS C 21 5.03 -0.16 -12.01
N GLN C 22 5.79 -0.31 -10.90
CA GLN C 22 5.51 0.44 -9.68
C GLN C 22 5.61 1.96 -9.89
N PHE C 23 6.42 2.38 -10.87
CA PHE C 23 6.59 3.80 -11.19
C PHE C 23 5.51 4.36 -12.10
N ALA C 24 4.62 3.53 -12.63
CA ALA C 24 3.54 4.02 -13.54
C ALA C 24 2.50 4.94 -12.88
N TRP C 25 2.39 4.92 -11.55
CA TRP C 25 1.22 5.48 -10.87
C TRP C 25 0.90 6.97 -11.11
N PRO C 26 1.90 7.84 -11.24
CA PRO C 26 1.65 9.25 -11.56
C PRO C 26 1.06 9.40 -12.96
N PHE C 27 1.16 8.34 -13.76
CA PHE C 27 0.91 8.41 -15.21
C PHE C 27 -0.31 7.67 -15.70
N ARG C 28 -1.01 6.97 -14.80
CA ARG C 28 -2.11 6.10 -15.23
C ARG C 28 -3.40 6.85 -15.54
N GLN C 29 -3.50 8.07 -15.05
CA GLN C 29 -4.69 8.88 -15.28
C GLN C 29 -4.23 10.30 -15.58
N PRO C 30 -5.10 11.10 -16.22
CA PRO C 30 -4.78 12.50 -16.52
C PRO C 30 -4.35 13.28 -15.27
N VAL C 31 -3.45 14.24 -15.46
CA VAL C 31 -3.10 15.18 -14.41
C VAL C 31 -4.37 15.99 -14.07
N ASP C 32 -4.82 15.89 -12.82
CA ASP C 32 -5.89 16.76 -12.35
C ASP C 32 -5.26 17.99 -11.69
N ALA C 33 -5.13 19.07 -12.46
CA ALA C 33 -4.48 20.30 -11.95
C ALA C 33 -5.22 20.95 -10.75
N VAL C 34 -6.55 20.81 -10.71
CA VAL C 34 -7.32 21.35 -9.58
C VAL C 34 -7.04 20.54 -8.31
N LYS C 35 -7.25 19.23 -8.36
CA LYS C 35 -7.08 18.40 -7.17
C LYS C 35 -5.62 18.40 -6.66
N LEU C 36 -4.67 18.40 -7.59
CA LEU C 36 -3.25 18.28 -7.26
C LEU C 36 -2.68 19.66 -6.91
N GLY C 37 -3.50 20.69 -7.10
CA GLY C 37 -3.13 22.04 -6.71
C GLY C 37 -2.09 22.66 -7.63
N LEU C 38 -2.30 22.53 -8.95
CA LEU C 38 -1.34 22.96 -9.99
C LEU C 38 -1.90 24.02 -10.96
N PRO C 39 -2.29 25.21 -10.45
CA PRO C 39 -2.91 26.27 -11.29
C PRO C 39 -2.21 26.62 -12.61
N ASP C 40 -0.91 26.41 -12.75
CA ASP C 40 -0.21 26.74 -13.99
C ASP C 40 -0.02 25.55 -14.96
N TYR C 41 -0.46 24.35 -14.55
CA TYR C 41 -0.16 23.14 -15.32
C TYR C 41 -0.53 23.27 -16.80
N HIS C 42 -1.78 23.65 -17.07
CA HIS C 42 -2.31 23.74 -18.42
C HIS C 42 -1.89 25.01 -19.14
N LYS C 43 -1.29 25.95 -18.41
CA LYS C 43 -0.59 27.09 -19.00
C LYS C 43 0.77 26.68 -19.56
N ILE C 44 1.44 25.75 -18.88
CA ILE C 44 2.75 25.30 -19.32
C ILE C 44 2.64 24.12 -20.31
N ILE C 45 1.78 23.16 -19.97
CA ILE C 45 1.61 21.95 -20.76
C ILE C 45 0.42 22.10 -21.72
N LYS C 46 0.76 22.13 -22.99
CA LYS C 46 -0.23 22.36 -24.05
C LYS C 46 -0.95 21.11 -24.52
N GLN C 47 -0.33 19.95 -24.31
CA GLN C 47 -0.87 18.65 -24.73
C GLN C 47 -0.77 17.60 -23.61
N PRO C 48 -1.74 17.58 -22.71
CA PRO C 48 -1.77 16.54 -21.67
C PRO C 48 -1.88 15.14 -22.28
N MSE C 49 -1.23 14.19 -21.64
CA MSE C 49 -1.25 12.80 -22.10
C MSE C 49 -0.94 11.94 -20.90
O MSE C 49 -0.12 12.29 -20.05
CB MSE C 49 -0.23 12.58 -23.21
CG MSE C 49 -0.35 11.25 -23.99
SE MSE C 49 -2.20 10.69 -24.44
CE MSE C 49 -2.61 12.21 -25.70
N ASP C 50 -1.62 10.80 -20.83
CA ASP C 50 -1.43 9.87 -19.73
C ASP C 50 -1.56 8.46 -20.31
N MSE C 51 -1.11 7.45 -19.54
CA MSE C 51 -1.18 6.04 -19.97
C MSE C 51 -2.59 5.52 -20.06
O MSE C 51 -2.86 4.65 -20.86
CB MSE C 51 -0.40 5.13 -19.03
CG MSE C 51 1.03 5.06 -19.32
SE MSE C 51 1.81 3.74 -18.04
CE MSE C 51 3.51 4.64 -17.76
N GLY C 52 -3.48 6.06 -19.23
CA GLY C 52 -4.89 5.65 -19.28
C GLY C 52 -5.50 5.92 -20.65
N THR C 53 -5.23 7.12 -21.16
CA THR C 53 -5.64 7.47 -22.51
C THR C 53 -4.98 6.61 -23.60
N ILE C 54 -3.67 6.43 -23.53
CA ILE C 54 -2.97 5.56 -24.48
C ILE C 54 -3.54 4.14 -24.49
N LYS C 55 -3.72 3.56 -23.29
CA LYS C 55 -4.24 2.21 -23.17
C LYS C 55 -5.63 2.07 -23.78
N ARG C 56 -6.51 3.00 -23.47
CA ARG C 56 -7.86 3.03 -24.02
C ARG C 56 -7.79 3.19 -25.53
N ARG C 57 -6.83 3.98 -26.01
CA ARG C 57 -6.66 4.13 -27.44
C ARG C 57 -6.23 2.83 -28.12
N LEU C 58 -5.30 2.11 -27.50
CA LEU C 58 -4.90 0.82 -28.06
C LEU C 58 -6.08 -0.18 -28.04
N GLU C 59 -6.85 -0.18 -26.95
CA GLU C 59 -7.96 -1.12 -26.80
C GLU C 59 -9.03 -0.88 -27.84
N ASN C 60 -9.16 0.38 -28.27
CA ASN C 60 -10.17 0.74 -29.24
C ASN C 60 -9.70 0.97 -30.66
N ASN C 61 -8.48 0.52 -30.96
CA ASN C 61 -7.86 0.68 -32.29
C ASN C 61 -7.86 2.11 -32.80
N TYR C 62 -7.75 3.06 -31.88
CA TYR C 62 -7.63 4.47 -32.24
C TYR C 62 -6.43 4.74 -33.16
N TYR C 63 -5.27 4.13 -32.88
CA TYR C 63 -4.04 4.54 -33.61
C TYR C 63 -4.00 4.16 -35.09
N TRP C 64 -3.54 5.10 -35.90
CA TRP C 64 -3.37 4.93 -37.35
C TRP C 64 -2.07 4.17 -37.61
N ALA C 65 -1.08 4.35 -36.72
CA ALA C 65 0.23 3.68 -36.85
C ALA C 65 1.04 3.71 -35.54
N ALA C 66 2.04 2.84 -35.43
CA ALA C 66 2.85 2.70 -34.22
C ALA C 66 3.42 4.02 -33.77
N SER C 67 3.87 4.81 -34.74
CA SER C 67 4.54 6.07 -34.48
C SER C 67 3.64 7.04 -33.72
N GLU C 68 2.34 7.03 -34.02
CA GLU C 68 1.39 7.88 -33.29
C GLU C 68 1.32 7.55 -31.79
N CYS C 69 1.30 6.25 -31.49
CA CYS C 69 1.25 5.76 -30.12
C CYS C 69 2.57 6.13 -29.42
N MSE C 70 3.67 5.84 -30.07
CA MSE C 70 5.01 6.20 -29.58
C MSE C 70 5.11 7.69 -29.24
O MSE C 70 5.66 8.11 -28.21
CB MSE C 70 6.03 5.82 -30.64
CG MSE C 70 6.20 4.33 -30.76
SE MSE C 70 7.19 3.76 -32.34
CE MSE C 70 8.90 4.70 -32.06
N GLN C 71 4.54 8.50 -30.11
CA GLN C 71 4.47 9.94 -29.95
C GLN C 71 3.65 10.30 -28.71
N ASP C 72 2.55 9.58 -28.44
CA ASP C 72 1.82 9.87 -27.21
C ASP C 72 2.60 9.54 -25.92
N PHE C 73 3.32 8.42 -25.90
CA PHE C 73 4.16 8.09 -24.76
C PHE C 73 5.17 9.18 -24.56
N ASN C 74 5.80 9.59 -25.67
CA ASN C 74 6.84 10.62 -25.62
C ASN C 74 6.31 11.94 -25.05
N THR C 75 5.13 12.35 -25.53
CA THR C 75 4.46 13.53 -24.99
C THR C 75 4.22 13.46 -23.50
N MSE C 76 3.74 12.31 -23.05
CA MSE C 76 3.48 12.10 -21.63
C MSE C 76 4.77 12.32 -20.83
O MSE C 76 4.80 13.09 -19.89
CB MSE C 76 2.93 10.69 -21.41
CG MSE C 76 2.81 10.27 -19.94
SE MSE C 76 2.12 8.47 -19.86
CE MSE C 76 3.78 7.51 -20.23
N PHE C 77 5.85 11.64 -21.23
CA PHE C 77 7.12 11.79 -20.49
C PHE C 77 7.66 13.23 -20.50
N THR C 78 7.66 13.81 -21.68
CA THR C 78 8.12 15.19 -21.90
C THR C 78 7.35 16.19 -21.06
N ASN C 79 6.02 16.02 -20.98
CA ASN C 79 5.21 16.88 -20.10
C ASN C 79 5.82 16.87 -18.69
N CYS C 80 6.09 15.66 -18.21
CA CYS C 80 6.61 15.52 -16.86
C CYS C 80 7.96 16.27 -16.71
N TYR C 81 8.89 15.99 -17.64
CA TYR C 81 10.21 16.64 -17.62
C TYR C 81 10.07 18.14 -17.63
N ILE C 82 9.24 18.66 -18.53
CA ILE C 82 9.11 20.11 -18.65
C ILE C 82 8.50 20.75 -17.42
N TYR C 83 7.45 20.14 -16.88
CA TYR C 83 6.67 20.75 -15.81
C TYR C 83 7.32 20.62 -14.43
N ASN C 84 7.73 19.41 -14.07
CA ASN C 84 8.13 19.11 -12.69
C ASN C 84 9.49 19.70 -12.33
N LYS C 85 9.82 19.79 -11.04
CA LYS C 85 11.18 20.19 -10.64
C LYS C 85 12.15 19.08 -11.02
N PRO C 86 13.37 19.42 -11.43
CA PRO C 86 14.37 18.38 -11.73
C PRO C 86 14.58 17.39 -10.59
N THR C 87 14.26 17.78 -9.33
CA THR C 87 14.48 16.91 -8.18
C THR C 87 13.30 16.01 -7.73
N ASP C 88 12.10 16.28 -8.25
CA ASP C 88 10.93 15.46 -7.94
C ASP C 88 11.24 14.04 -8.31
N ASP C 89 10.90 13.09 -7.45
CA ASP C 89 11.09 11.68 -7.77
C ASP C 89 10.28 11.26 -8.98
N ILE C 90 9.19 11.98 -9.29
CA ILE C 90 8.36 11.68 -10.46
C ILE C 90 9.23 11.74 -11.72
N VAL C 91 10.19 12.66 -11.74
CA VAL C 91 11.07 12.81 -12.91
C VAL C 91 11.90 11.55 -13.11
N LEU C 92 12.49 11.05 -12.02
CA LEU C 92 13.27 9.81 -12.05
C LEU C 92 12.40 8.67 -12.52
N MSE C 93 11.17 8.64 -12.05
CA MSE C 93 10.22 7.62 -12.45
C MSE C 93 9.97 7.64 -13.95
O MSE C 93 9.94 6.62 -14.59
CB MSE C 93 8.90 7.81 -11.68
CG MSE C 93 8.97 7.36 -10.21
SE MSE C 93 7.18 7.51 -9.35
CE MSE C 93 7.46 9.11 -8.54
N ALA C 94 9.76 8.84 -14.48
CA ALA C 94 9.54 9.00 -15.92
C ALA C 94 10.77 8.51 -16.69
N GLN C 95 11.96 8.90 -16.25
CA GLN C 95 13.21 8.45 -16.89
C GLN C 95 13.30 6.93 -16.89
N THR C 96 13.01 6.33 -15.74
CA THR C 96 12.96 4.87 -15.69
C THR C 96 11.97 4.24 -16.66
N LEU C 97 10.75 4.73 -16.70
CA LEU C 97 9.74 4.16 -17.62
C LEU C 97 10.11 4.40 -19.07
N GLU C 98 10.65 5.59 -19.33
CA GLU C 98 10.95 5.93 -20.71
C GLU C 98 12.07 5.07 -21.26
N LYS C 99 13.04 4.75 -20.40
CA LYS C 99 14.12 3.82 -20.82
C LYS C 99 13.58 2.44 -21.17
N ILE C 100 12.66 1.92 -20.36
CA ILE C 100 12.04 0.62 -20.70
C ILE C 100 11.28 0.76 -22.01
N PHE C 101 10.51 1.83 -22.09
CA PHE C 101 9.74 2.11 -23.32
C PHE C 101 10.62 2.01 -24.58
N LEU C 102 11.78 2.68 -24.56
CA LEU C 102 12.70 2.65 -25.70
C LEU C 102 13.35 1.30 -25.94
N GLN C 103 13.82 0.66 -24.88
CA GLN C 103 14.33 -0.70 -24.97
C GLN C 103 13.31 -1.60 -25.68
N LYS C 104 12.04 -1.45 -25.35
CA LYS C 104 11.05 -2.33 -25.93
C LYS C 104 10.72 -1.93 -27.33
N VAL C 105 10.63 -0.63 -27.58
CA VAL C 105 10.42 -0.14 -28.93
C VAL C 105 11.47 -0.71 -29.87
N ALA C 106 12.71 -0.88 -29.39
CA ALA C 106 13.78 -1.41 -30.22
C ALA C 106 13.61 -2.90 -30.66
N SER C 107 12.83 -3.68 -29.92
CA SER C 107 12.56 -5.09 -30.28
C SER C 107 11.18 -5.26 -30.97
N MSE C 108 10.54 -4.16 -31.32
CA MSE C 108 9.27 -4.18 -32.03
C MSE C 108 9.39 -4.96 -33.36
O MSE C 108 10.47 -4.97 -33.95
CB MSE C 108 8.84 -2.74 -32.24
CG MSE C 108 7.53 -2.53 -32.93
SE MSE C 108 6.93 -0.74 -32.57
CE MSE C 108 8.28 0.33 -33.52
N PRO C 109 8.31 -5.63 -33.82
CA PRO C 109 8.35 -6.43 -35.06
C PRO C 109 8.71 -5.67 -36.34
N GLN C 110 8.00 -4.59 -36.64
CA GLN C 110 8.10 -3.88 -37.94
C GLN C 110 7.40 -4.57 -39.14
OH ALY D 3 -1.11 -12.96 22.11
CH ALY D 3 0.22 -13.28 22.56
CH3 ALY D 3 1.22 -12.13 22.30
NZ ALY D 3 0.29 -13.84 23.92
CE ALY D 3 -0.26 -13.18 25.09
CD ALY D 3 -1.71 -13.47 25.43
CG ALY D 3 -1.86 -13.44 26.95
CB ALY D 3 -2.59 -12.19 27.48
CA ALY D 3 -3.79 -12.59 28.36
N ALY D 3 -5.02 -12.69 27.59
C ALY D 3 -3.98 -11.60 29.51
O ALY D 3 -2.95 -11.78 30.48
OH ALY E 3 -16.71 -4.91 11.99
CH ALY E 3 -17.27 -4.92 10.68
CH3 ALY E 3 -16.72 -3.73 9.88
NZ ALY E 3 -18.74 -4.99 10.68
CE ALY E 3 -19.41 -5.86 11.65
CD ALY E 3 -19.62 -7.30 11.16
CG ALY E 3 -20.58 -8.16 11.99
CB ALY E 3 -20.31 -9.65 11.74
CA ALY E 3 -21.18 -10.60 12.57
N ALY E 3 -20.39 -11.67 13.23
C ALY E 3 -22.29 -11.31 11.78
O ALY E 3 -22.17 -11.05 10.38
#